data_3EWK
#
_entry.id   3EWK
#
_cell.length_a   146.71
_cell.length_b   146.71
_cell.length_c   43.6
_cell.angle_alpha   90
_cell.angle_beta   90
_cell.angle_gamma   90
#
_symmetry.space_group_name_H-M   'P 4 21 2'
#
loop_
_entity.id
_entity.type
_entity.pdbx_description
1 polymer 'Sensor protein'
2 non-polymer 'FLAVIN-ADENINE DINUCLEOTIDE'
3 non-polymer GLYCEROL
4 non-polymer 'CHLORIDE ION'
5 water water
#
_entity_poly.entity_id   1
_entity_poly.type   'polypeptide(L)'
_entity_poly.pdbx_seq_one_letter_code
;LVSITDLQGRILYANDNFCAVSRYGREELVGQDHRIVNSGYHGKAYIRDMWRTISRGNIWQGEFCNRRKDGTRYWVDSTI
VPLMDNAGKPRQYISIRRDITAQKEAEAQLARLKQAMDANSEMILLTDRAGRIIYANPALCRFSGMAEGELLGQSPSILD
SPLADQETLAAMQEALQAGQPWSGRLLNRRRTGPAPHDAEDYWAEISTTPIHTDGNGLVGYVQIQHD
;
_entity_poly.pdbx_strand_id   A
#
loop_
_chem_comp.id
_chem_comp.type
_chem_comp.name
_chem_comp.formula
CL non-polymer 'CHLORIDE ION' 'Cl -1'
FAD non-polymer 'FLAVIN-ADENINE DINUCLEOTIDE' 'C27 H33 N9 O15 P2'
GOL non-polymer GLYCEROL 'C3 H8 O3'
#
# COMPACT_ATOMS: atom_id res chain seq x y z
N LEU A 1 6.59 -20.18 7.82
CA LEU A 1 5.48 -20.98 7.14
C LEU A 1 4.78 -22.06 8.02
N VAL A 2 5.53 -23.02 8.56
CA VAL A 2 4.88 -24.08 9.38
C VAL A 2 5.61 -24.45 10.72
N SER A 3 4.84 -24.39 11.80
CA SER A 3 5.34 -24.97 13.05
C SER A 3 4.22 -25.63 13.90
N ILE A 4 4.68 -26.47 14.82
CA ILE A 4 3.85 -27.18 15.82
C ILE A 4 4.47 -27.07 17.21
N THR A 5 3.59 -26.85 18.18
CA THR A 5 4.00 -26.71 19.57
C THR A 5 3.17 -27.60 20.44
N ASP A 6 3.66 -27.87 21.67
CA ASP A 6 2.78 -28.46 22.69
C ASP A 6 1.85 -27.45 23.22
N LEU A 7 1.10 -27.82 24.24
CA LEU A 7 0.13 -26.92 24.74
C LEU A 7 0.73 -25.63 25.31
N GLN A 8 2.03 -25.66 25.64
CA GLN A 8 2.60 -24.52 26.30
C GLN A 8 3.31 -23.63 25.34
N GLY A 9 3.43 -24.06 24.06
CA GLY A 9 4.02 -23.18 23.08
C GLY A 9 5.45 -23.58 22.75
N ARG A 10 5.90 -24.69 23.30
CA ARG A 10 7.26 -25.12 23.00
C ARG A 10 7.22 -25.78 21.61
N ILE A 11 8.10 -25.30 20.75
CA ILE A 11 8.16 -25.72 19.34
C ILE A 11 8.64 -27.16 19.32
N LEU A 12 7.81 -28.03 18.76
CA LEU A 12 8.20 -29.42 18.54
C LEU A 12 8.69 -29.53 17.13
N TYR A 13 8.15 -28.64 16.28
CA TYR A 13 8.45 -28.55 14.86
C TYR A 13 7.84 -27.34 14.18
N ALA A 14 8.41 -26.63 13.22
CA ALA A 14 9.81 -26.26 12.79
C ALA A 14 10.16 -26.51 11.27
N ASN A 15 9.23 -26.25 10.35
CA ASN A 15 9.52 -26.56 8.91
C ASN A 15 10.57 -25.72 8.23
N ASP A 16 10.84 -26.05 6.96
CA ASP A 16 12.01 -25.47 6.26
C ASP A 16 11.89 -23.99 5.96
N ASN A 17 10.76 -23.61 5.38
CA ASN A 17 10.35 -22.21 5.23
C ASN A 17 10.42 -21.45 6.56
N PHE A 18 9.83 -21.97 7.62
CA PHE A 18 9.92 -21.28 8.92
C PHE A 18 11.40 -20.97 9.29
N CYS A 19 12.26 -21.94 9.12
CA CYS A 19 13.69 -21.75 9.42
C CYS A 19 14.27 -20.76 8.44
N ALA A 20 13.88 -20.94 7.18
CA ALA A 20 14.42 -20.08 6.14
C ALA A 20 14.17 -18.64 6.58
N VAL A 21 12.91 -18.18 6.46
CA VAL A 21 12.56 -16.77 6.72
C VAL A 21 12.92 -16.26 8.11
N SER A 22 12.75 -17.03 9.17
CA SER A 22 13.10 -16.59 10.55
C SER A 22 14.59 -16.35 10.72
N ARG A 23 15.34 -16.69 9.67
CA ARG A 23 16.80 -16.89 9.72
C ARG A 23 17.30 -17.61 11.00
N TYR A 24 16.59 -18.69 11.36
CA TYR A 24 16.96 -19.53 12.52
C TYR A 24 17.09 -20.98 12.05
N GLY A 25 18.07 -21.67 12.63
CA GLY A 25 18.28 -23.07 12.31
C GLY A 25 17.32 -23.94 13.12
N ARG A 26 16.77 -24.97 12.46
CA ARG A 26 15.87 -25.97 13.05
C ARG A 26 16.23 -26.45 14.47
N GLU A 27 17.50 -26.45 14.81
CA GLU A 27 17.91 -26.93 16.12
C GLU A 27 17.87 -25.79 17.12
N GLU A 28 17.80 -24.56 16.64
CA GLU A 28 17.68 -23.43 17.54
C GLU A 28 16.20 -23.15 17.77
N LEU A 29 15.40 -23.76 16.93
CA LEU A 29 13.99 -23.57 17.02
C LEU A 29 13.38 -24.67 17.89
N VAL A 30 13.43 -25.91 17.42
CA VAL A 30 12.92 -27.05 18.17
C VAL A 30 13.36 -27.02 19.67
N GLY A 31 12.37 -27.07 20.55
CA GLY A 31 12.60 -27.02 21.99
C GLY A 31 12.57 -25.66 22.63
N GLN A 32 12.38 -24.64 21.80
CA GLN A 32 12.31 -23.27 22.20
C GLN A 32 10.87 -22.87 22.39
N ASP A 33 10.63 -21.82 23.19
CA ASP A 33 9.29 -21.24 23.33
C ASP A 33 9.03 -20.49 22.03
N HIS A 34 7.80 -20.55 21.53
CA HIS A 34 7.47 -19.84 20.26
C HIS A 34 7.58 -18.34 20.48
N ARG A 35 7.59 -17.95 21.75
CA ARG A 35 8.06 -16.60 22.06
C ARG A 35 9.47 -16.25 21.49
N ILE A 36 10.29 -17.24 21.14
CA ILE A 36 11.60 -16.93 20.57
C ILE A 36 11.48 -15.84 19.51
N VAL A 37 10.56 -15.98 18.53
CA VAL A 37 10.34 -15.00 17.45
C VAL A 37 9.45 -13.81 17.82
N ASN A 38 8.99 -13.71 19.08
CA ASN A 38 8.11 -12.59 19.42
C ASN A 38 8.81 -11.25 19.10
N SER A 39 8.11 -10.13 18.99
CA SER A 39 8.83 -8.91 18.61
C SER A 39 8.54 -7.68 19.51
N GLY A 40 7.50 -7.74 20.33
CA GLY A 40 7.21 -6.66 21.20
C GLY A 40 6.16 -5.82 20.50
N TYR A 41 6.10 -5.94 19.16
CA TYR A 41 5.15 -5.21 18.36
C TYR A 41 3.70 -5.33 18.86
N HIS A 42 3.23 -6.55 19.13
CA HIS A 42 1.82 -6.79 19.53
C HIS A 42 1.58 -6.59 21.04
N GLY A 43 0.44 -6.00 21.40
CA GLY A 43 0.05 -5.86 22.78
C GLY A 43 -0.48 -7.19 23.31
N LYS A 44 -0.51 -7.31 24.63
CA LYS A 44 -0.78 -8.54 25.33
C LYS A 44 -2.19 -9.05 25.05
N ALA A 45 -3.07 -8.14 24.63
CA ALA A 45 -4.49 -8.56 24.42
C ALA A 45 -4.57 -9.28 23.07
N TYR A 46 -3.74 -8.87 22.13
CA TYR A 46 -3.68 -9.59 20.89
C TYR A 46 -3.23 -11.01 21.13
N ILE A 47 -2.26 -11.21 22.02
CA ILE A 47 -1.71 -12.54 22.31
C ILE A 47 -2.71 -13.32 23.13
N ARG A 48 -3.27 -12.66 24.14
CA ARG A 48 -4.31 -13.24 25.04
C ARG A 48 -5.57 -13.69 24.30
N ASP A 49 -6.08 -12.88 23.37
CA ASP A 49 -7.18 -13.34 22.48
C ASP A 49 -6.78 -14.55 21.62
N MET A 50 -5.57 -14.56 21.06
CA MET A 50 -5.10 -15.72 20.28
C MET A 50 -5.18 -17.08 21.06
N TRP A 51 -4.61 -17.06 22.28
CA TRP A 51 -4.50 -18.22 23.16
C TRP A 51 -5.86 -18.56 23.71
N ARG A 52 -6.64 -17.52 23.99
CA ARG A 52 -8.04 -17.72 24.38
C ARG A 52 -8.88 -18.33 23.29
N THR A 53 -8.54 -18.08 22.03
CA THR A 53 -9.30 -18.76 20.99
C THR A 53 -8.87 -20.16 20.74
N ILE A 54 -7.56 -20.41 20.59
CA ILE A 54 -7.05 -21.76 20.25
C ILE A 54 -7.22 -22.83 21.36
N SER A 55 -7.12 -22.38 22.60
CA SER A 55 -7.19 -23.30 23.75
C SER A 55 -8.61 -23.79 24.01
N ARG A 56 -9.60 -23.01 23.59
CA ARG A 56 -10.97 -23.56 23.51
C ARG A 56 -11.28 -24.35 22.21
N GLY A 57 -10.28 -24.84 21.46
CA GLY A 57 -10.54 -25.75 20.35
C GLY A 57 -10.70 -25.17 18.93
N ASN A 58 -11.27 -23.96 18.83
CA ASN A 58 -11.29 -23.07 17.65
C ASN A 58 -10.01 -22.69 16.88
N ILE A 59 -10.09 -22.63 15.53
CA ILE A 59 -9.02 -22.11 14.65
C ILE A 59 -8.84 -20.64 14.92
N TRP A 60 -7.61 -20.11 14.85
CA TRP A 60 -7.32 -18.63 14.98
C TRP A 60 -6.65 -18.10 13.72
N GLN A 61 -6.98 -16.85 13.35
CA GLN A 61 -6.28 -16.24 12.22
C GLN A 61 -5.82 -14.83 12.45
N GLY A 62 -4.63 -14.57 11.95
CA GLY A 62 -4.06 -13.26 12.20
C GLY A 62 -2.72 -13.09 11.56
N GLU A 63 -2.26 -11.85 11.64
CA GLU A 63 -0.90 -11.47 11.23
C GLU A 63 -0.01 -11.42 12.46
N PHE A 64 1.26 -11.63 12.20
CA PHE A 64 2.28 -11.53 13.22
C PHE A 64 3.45 -10.75 12.70
N CYS A 65 3.85 -9.74 13.46
CA CYS A 65 5.11 -9.12 13.19
C CYS A 65 6.12 -9.82 14.11
N ASN A 66 7.09 -10.50 13.48
CA ASN A 66 8.06 -11.31 14.24
C ASN A 66 9.50 -10.79 14.13
N ARG A 67 10.40 -11.28 14.98
CA ARG A 67 11.83 -10.86 15.06
C ARG A 67 12.73 -11.98 14.55
N ARG A 68 13.59 -11.64 13.57
CA ARG A 68 14.46 -12.61 12.85
C ARG A 68 15.74 -13.24 13.50
N LYS A 69 16.29 -12.64 14.56
CA LYS A 69 17.55 -13.11 15.26
C LYS A 69 18.59 -12.02 15.27
N ASP A 70 18.88 -11.54 14.06
CA ASP A 70 19.69 -10.37 13.86
C ASP A 70 18.86 -9.14 14.22
N GLY A 71 17.75 -9.43 14.91
CA GLY A 71 16.83 -8.43 15.46
C GLY A 71 15.89 -7.75 14.49
N THR A 72 16.00 -8.07 13.19
CA THR A 72 15.14 -7.44 12.16
C THR A 72 13.70 -8.00 12.12
N ARG A 73 12.77 -7.21 11.59
CA ARG A 73 11.35 -7.60 11.63
C ARG A 73 10.78 -8.22 10.34
N TYR A 74 9.97 -9.27 10.48
CA TYR A 74 9.18 -9.76 9.37
C TYR A 74 7.72 -9.91 9.71
N TRP A 75 6.94 -10.22 8.67
CA TRP A 75 5.52 -10.35 8.82
C TRP A 75 5.02 -11.66 8.32
N VAL A 76 4.00 -12.15 8.97
CA VAL A 76 3.52 -13.43 8.62
C VAL A 76 1.99 -13.31 8.75
N ASP A 77 1.27 -14.14 8.01
CA ASP A 77 -0.20 -14.17 8.03
C ASP A 77 -0.49 -15.63 8.41
N SER A 78 -1.16 -15.84 9.55
CA SER A 78 -1.17 -17.15 10.21
C SER A 78 -2.54 -17.66 10.37
N THR A 79 -2.64 -18.96 10.35
CA THR A 79 -3.81 -19.66 10.85
C THR A 79 -3.21 -20.67 11.84
N ILE A 80 -3.73 -20.61 13.05
CA ILE A 80 -3.38 -21.61 14.10
C ILE A 80 -4.56 -22.48 14.45
N VAL A 81 -4.28 -23.77 14.35
CA VAL A 81 -5.28 -24.83 14.45
C VAL A 81 -4.91 -25.75 15.60
N PRO A 82 -5.88 -26.09 16.43
CA PRO A 82 -5.57 -27.11 17.42
C PRO A 82 -5.70 -28.55 16.92
N LEU A 83 -4.84 -29.43 17.41
CA LEU A 83 -5.02 -30.86 17.29
C LEU A 83 -5.51 -31.45 18.63
N MET A 84 -6.58 -32.30 18.59
CA MET A 84 -7.27 -32.91 19.74
C MET A 84 -6.89 -34.31 20.18
N ASP A 85 -7.37 -34.71 21.37
CA ASP A 85 -7.52 -36.15 21.85
C ASP A 85 -8.63 -36.90 21.05
N ASN A 86 -9.31 -38.01 21.41
CA ASN A 86 -9.84 -38.49 22.69
C ASN A 86 -10.38 -37.23 23.33
N ALA A 87 -10.77 -37.33 24.59
CA ALA A 87 -11.49 -36.24 25.25
C ALA A 87 -11.33 -34.99 24.38
N GLY A 88 -12.38 -34.47 23.73
CA GLY A 88 -12.08 -33.45 22.68
C GLY A 88 -11.19 -32.25 23.05
N LYS A 89 -10.02 -32.50 23.60
CA LYS A 89 -9.19 -31.47 24.19
C LYS A 89 -7.97 -31.21 23.33
N PRO A 90 -7.71 -29.92 23.00
CA PRO A 90 -6.45 -29.57 22.32
C PRO A 90 -5.24 -30.15 23.05
N ARG A 91 -4.34 -30.67 22.24
CA ARG A 91 -3.18 -31.39 22.65
C ARG A 91 -1.90 -30.83 21.96
N GLN A 92 -2.01 -30.41 20.69
CA GLN A 92 -0.94 -29.67 20.01
C GLN A 92 -1.54 -28.60 19.15
N TYR A 93 -0.67 -27.76 18.60
CA TYR A 93 -1.06 -26.56 17.85
C TYR A 93 -0.28 -26.50 16.58
N ILE A 94 -0.99 -26.33 15.45
CA ILE A 94 -0.30 -26.24 14.16
C ILE A 94 -0.52 -24.84 13.64
N SER A 95 0.61 -24.23 13.23
CA SER A 95 0.59 -22.89 12.69
C SER A 95 1.14 -22.90 11.27
N ILE A 96 0.23 -22.54 10.35
CA ILE A 96 0.49 -22.44 8.91
C ILE A 96 0.35 -20.96 8.57
N ARG A 97 1.43 -20.43 8.00
CA ARG A 97 1.67 -18.98 7.80
C ARG A 97 2.29 -18.64 6.44
N ARG A 98 1.79 -17.65 5.75
CA ARG A 98 2.73 -17.15 4.71
C ARG A 98 3.43 -15.85 5.10
N ASP A 99 4.70 -15.84 4.75
CA ASP A 99 5.54 -14.68 4.76
C ASP A 99 4.91 -13.55 3.94
N ILE A 100 4.58 -12.45 4.60
CA ILE A 100 3.99 -11.33 3.90
C ILE A 100 5.06 -10.25 4.00
N THR A 101 6.31 -10.75 3.81
CA THR A 101 7.62 -10.17 4.24
C THR A 101 7.67 -8.70 4.53
N ALA A 102 7.34 -7.73 3.62
CA ALA A 102 7.40 -7.68 2.07
C ALA A 102 6.31 -6.91 1.32
N GLN A 103 5.12 -7.48 1.20
CA GLN A 103 3.96 -6.73 0.75
C GLN A 103 3.62 -5.72 1.83
N LYS A 104 4.25 -5.87 2.98
CA LYS A 104 3.86 -5.04 4.11
C LYS A 104 4.73 -3.82 4.17
N GLU A 105 6.02 -4.06 3.96
CA GLU A 105 7.02 -3.01 3.78
C GLU A 105 6.58 -2.17 2.57
N ALA A 106 6.26 -2.85 1.48
CA ALA A 106 5.80 -2.21 0.24
C ALA A 106 4.44 -1.58 0.34
N GLU A 107 4.16 -0.93 1.47
CA GLU A 107 2.79 -0.55 1.81
C GLU A 107 2.82 0.47 2.91
N ALA A 108 3.80 0.31 3.82
CA ALA A 108 4.07 1.26 4.88
C ALA A 108 4.76 2.45 4.24
N GLN A 109 5.34 2.14 3.06
CA GLN A 109 6.07 3.06 2.19
C GLN A 109 5.17 4.04 1.45
N LEU A 110 4.35 3.50 0.53
CA LEU A 110 3.25 4.23 -0.03
C LEU A 110 2.54 5.10 0.98
N ALA A 111 2.23 4.57 2.15
CA ALA A 111 1.51 5.39 3.11
C ALA A 111 2.33 6.64 3.46
N ARG A 112 3.64 6.50 3.64
CA ARG A 112 4.54 7.60 3.98
C ARG A 112 4.63 8.63 2.86
N LEU A 113 4.73 8.11 1.65
CA LEU A 113 4.89 8.86 0.42
C LEU A 113 3.59 9.56 0.19
N LYS A 114 2.56 8.74 0.23
CA LYS A 114 1.23 9.21 -0.03
C LYS A 114 0.98 10.32 0.92
N GLN A 115 1.24 10.09 2.21
CA GLN A 115 1.11 11.12 3.23
C GLN A 115 1.86 12.43 2.93
N ALA A 116 3.09 12.34 2.41
CA ALA A 116 3.87 13.52 2.04
C ALA A 116 3.30 14.26 0.82
N MET A 117 2.81 13.50 -0.16
CA MET A 117 2.35 14.05 -1.40
C MET A 117 1.08 14.77 -1.07
N ASP A 118 0.24 14.13 -0.26
CA ASP A 118 -1.11 14.65 0.06
C ASP A 118 -1.02 16.00 0.74
N ALA A 119 0.06 16.26 1.46
CA ALA A 119 0.21 17.50 2.18
C ALA A 119 0.71 18.62 1.26
N ASN A 120 1.08 18.30 0.03
CA ASN A 120 1.53 19.33 -0.85
C ASN A 120 0.32 20.17 -1.14
N SER A 121 0.51 21.46 -1.16
CA SER A 121 -0.65 22.25 -1.35
C SER A 121 -0.60 22.90 -2.76
N GLU A 122 0.45 22.67 -3.52
CA GLU A 122 0.41 22.93 -4.92
C GLU A 122 -0.52 21.88 -5.55
N MET A 123 -1.19 22.26 -6.65
CA MET A 123 -2.08 21.32 -7.39
C MET A 123 -1.25 20.45 -8.25
N ILE A 124 -1.33 19.16 -8.03
CA ILE A 124 -0.34 18.27 -8.68
C ILE A 124 -1.10 17.05 -9.13
N LEU A 125 -0.66 16.52 -10.29
CA LEU A 125 -1.11 15.17 -10.66
C LEU A 125 0.02 14.42 -11.21
N LEU A 126 -0.08 13.10 -11.11
CA LEU A 126 0.87 12.26 -11.78
C LEU A 126 0.25 11.47 -12.95
N THR A 127 1.04 11.41 -13.99
CA THR A 127 0.63 10.73 -15.17
C THR A 127 1.52 9.52 -15.42
N ASP A 128 0.93 8.40 -15.88
CA ASP A 128 1.72 7.29 -16.46
C ASP A 128 2.23 7.49 -17.92
N ARG A 129 2.89 6.47 -18.50
CA ARG A 129 3.52 6.54 -19.87
C ARG A 129 2.51 6.92 -20.98
N ALA A 130 1.25 6.64 -20.71
CA ALA A 130 0.15 6.85 -21.60
C ALA A 130 -0.56 8.17 -21.31
N GLY A 131 -0.07 8.97 -20.34
CA GLY A 131 -0.64 10.27 -20.04
C GLY A 131 -1.98 10.15 -19.34
N ARG A 132 -2.24 9.02 -18.67
CA ARG A 132 -3.42 8.90 -17.83
C ARG A 132 -3.05 9.13 -16.35
N ILE A 133 -3.96 9.81 -15.67
CA ILE A 133 -3.71 10.32 -14.31
C ILE A 133 -3.51 9.07 -13.46
N ILE A 134 -2.35 8.90 -12.82
CA ILE A 134 -2.22 7.82 -11.80
C ILE A 134 -2.35 8.32 -10.39
N TYR A 135 -2.43 9.64 -10.22
CA TYR A 135 -2.59 10.23 -8.90
C TYR A 135 -2.91 11.69 -9.04
N ALA A 136 -3.82 12.17 -8.19
CA ALA A 136 -4.20 13.59 -8.15
C ALA A 136 -4.31 13.98 -6.70
N ASN A 137 -3.53 14.99 -6.31
CA ASN A 137 -3.47 15.34 -4.86
C ASN A 137 -4.75 16.04 -4.36
N PRO A 138 -4.99 15.99 -3.03
CA PRO A 138 -6.13 16.67 -2.48
C PRO A 138 -6.25 18.17 -2.81
N ALA A 139 -5.15 18.89 -2.94
CA ALA A 139 -5.29 20.30 -3.28
C ALA A 139 -6.03 20.40 -4.64
N LEU A 140 -5.59 19.60 -5.61
CA LEU A 140 -6.10 19.66 -6.94
C LEU A 140 -7.57 19.19 -6.97
N CYS A 141 -7.85 18.02 -6.35
CA CYS A 141 -9.21 17.55 -6.21
C CYS A 141 -10.13 18.58 -5.52
N ARG A 142 -9.62 19.15 -4.43
CA ARG A 142 -10.38 20.17 -3.71
C ARG A 142 -10.74 21.29 -4.68
N PHE A 143 -9.75 21.90 -5.33
CA PHE A 143 -10.00 23.00 -6.21
C PHE A 143 -10.80 22.62 -7.47
N SER A 144 -10.83 21.35 -7.82
CA SER A 144 -11.50 21.00 -9.07
C SER A 144 -13.00 20.96 -9.26
N GLY A 145 -13.87 20.80 -8.28
CA GLY A 145 -13.76 19.95 -7.15
C GLY A 145 -14.37 18.70 -7.75
N MET A 146 -13.48 17.85 -8.21
CA MET A 146 -13.79 16.49 -8.53
C MET A 146 -13.11 15.61 -7.48
N ALA A 147 -13.73 14.47 -7.17
CA ALA A 147 -13.17 13.50 -6.25
C ALA A 147 -12.12 12.76 -7.01
N GLU A 148 -11.05 12.35 -6.33
CA GLU A 148 -9.92 11.75 -7.04
C GLU A 148 -10.31 10.63 -7.99
N GLY A 149 -11.26 9.78 -7.58
CA GLY A 149 -11.79 8.69 -8.41
C GLY A 149 -12.39 9.13 -9.76
N GLU A 150 -13.09 10.25 -9.79
CA GLU A 150 -13.32 10.95 -11.04
C GLU A 150 -11.92 11.45 -11.21
N LEU A 151 -11.21 11.09 -12.26
CA LEU A 151 -9.82 11.61 -12.42
C LEU A 151 -8.82 10.53 -12.69
N LEU A 152 -8.80 9.52 -11.84
CA LEU A 152 -7.84 8.42 -12.03
C LEU A 152 -7.91 7.75 -13.42
N GLY A 153 -9.03 7.21 -13.83
CA GLY A 153 -9.00 6.72 -15.22
C GLY A 153 -8.34 7.64 -16.27
N GLN A 154 -8.79 8.91 -16.28
CA GLN A 154 -8.56 9.98 -17.29
C GLN A 154 -7.08 10.29 -17.44
N SER A 155 -6.53 10.84 -18.53
CA SER A 155 -6.60 12.18 -19.10
C SER A 155 -6.77 13.52 -18.32
N PRO A 156 -5.64 14.26 -18.18
CA PRO A 156 -5.62 15.59 -17.61
C PRO A 156 -6.63 16.50 -18.36
N SER A 157 -6.79 16.21 -19.65
CA SER A 157 -7.71 16.98 -20.48
C SER A 157 -9.10 16.93 -19.89
N ILE A 158 -9.42 15.97 -19.01
CA ILE A 158 -10.65 16.06 -18.27
C ILE A 158 -10.72 17.32 -17.40
N LEU A 159 -9.61 17.99 -17.16
CA LEU A 159 -9.59 19.17 -16.29
C LEU A 159 -9.83 20.40 -17.15
N ASP A 160 -9.49 20.29 -18.43
CA ASP A 160 -9.67 21.38 -19.37
C ASP A 160 -11.12 21.72 -19.69
N SER A 161 -11.38 22.99 -20.00
CA SER A 161 -12.69 23.47 -20.53
C SER A 161 -12.88 22.94 -21.96
N PRO A 162 -14.15 22.74 -22.37
CA PRO A 162 -14.40 22.45 -23.84
C PRO A 162 -13.90 23.60 -24.66
N LEU A 163 -13.77 24.79 -24.03
CA LEU A 163 -13.22 25.96 -24.73
C LEU A 163 -11.73 25.97 -24.93
N ALA A 164 -11.00 24.97 -24.44
CA ALA A 164 -9.53 25.05 -24.41
C ALA A 164 -8.92 24.90 -25.78
N ASP A 165 -7.77 25.52 -26.03
CA ASP A 165 -7.12 25.44 -27.30
C ASP A 165 -6.68 24.01 -27.49
N GLN A 166 -7.35 23.29 -28.39
CA GLN A 166 -6.99 21.87 -28.73
C GLN A 166 -5.53 21.64 -29.12
N GLU A 167 -4.88 22.60 -29.76
CA GLU A 167 -3.52 22.38 -30.25
C GLU A 167 -2.47 22.46 -29.11
N THR A 168 -2.82 23.23 -28.09
CA THR A 168 -2.01 23.34 -26.90
C THR A 168 -2.16 22.07 -26.04
N LEU A 169 -3.40 21.77 -25.69
CA LEU A 169 -3.75 20.53 -25.06
C LEU A 169 -3.05 19.30 -25.63
N ALA A 170 -2.79 19.34 -26.92
CA ALA A 170 -2.26 18.17 -27.59
C ALA A 170 -0.76 18.12 -27.42
N ALA A 171 -0.12 19.29 -27.55
CA ALA A 171 1.27 19.56 -27.21
C ALA A 171 1.61 19.03 -25.78
N MET A 172 0.71 19.27 -24.83
CA MET A 172 0.91 18.82 -23.52
C MET A 172 0.90 17.33 -23.48
N GLN A 173 -0.17 16.76 -24.02
CA GLN A 173 -0.36 15.34 -24.13
C GLN A 173 0.82 14.60 -24.84
N GLU A 174 1.24 15.11 -25.97
CA GLU A 174 2.37 14.57 -26.62
C GLU A 174 3.69 14.65 -25.76
N ALA A 175 3.93 15.76 -25.06
CA ALA A 175 5.01 15.86 -24.02
C ALA A 175 4.93 14.78 -22.91
N LEU A 176 3.78 14.67 -22.26
CA LEU A 176 3.48 13.57 -21.34
C LEU A 176 3.93 12.20 -21.80
N GLN A 177 3.42 11.74 -22.94
CA GLN A 177 3.74 10.39 -23.36
C GLN A 177 5.11 10.22 -24.02
N ALA A 178 5.77 11.30 -24.36
CA ALA A 178 7.10 11.20 -24.97
C ALA A 178 8.45 10.93 -24.15
N GLY A 179 8.64 11.10 -22.84
CA GLY A 179 8.16 12.09 -21.92
C GLY A 179 9.25 13.17 -21.88
N GLN A 180 8.73 14.38 -22.09
CA GLN A 180 9.52 15.54 -22.30
C GLN A 180 8.94 16.62 -21.45
N PRO A 181 9.76 17.59 -21.07
CA PRO A 181 9.24 18.74 -20.34
C PRO A 181 8.31 19.60 -21.20
N TRP A 182 7.24 20.11 -20.63
CA TRP A 182 6.34 20.97 -21.41
C TRP A 182 5.81 21.94 -20.42
N SER A 183 5.56 23.16 -20.82
CA SER A 183 4.59 23.89 -20.02
C SER A 183 3.87 24.96 -20.82
N GLY A 184 2.65 25.34 -20.45
CA GLY A 184 2.20 26.66 -20.78
C GLY A 184 0.75 26.90 -20.98
N ARG A 185 0.03 27.28 -19.93
CA ARG A 185 -1.41 27.79 -20.08
C ARG A 185 -2.49 27.22 -20.99
N LEU A 186 -3.55 26.75 -20.29
CA LEU A 186 -4.67 26.04 -20.80
C LEU A 186 -5.83 26.53 -20.00
N LEU A 187 -7.02 26.63 -20.63
CA LEU A 187 -8.25 27.02 -19.96
C LEU A 187 -8.80 25.78 -19.29
N ASN A 188 -8.92 25.81 -17.99
CA ASN A 188 -9.45 24.70 -17.24
C ASN A 188 -10.86 25.06 -16.82
N ARG A 189 -11.63 24.04 -16.45
CA ARG A 189 -12.91 24.23 -15.87
C ARG A 189 -12.99 23.52 -14.53
N ARG A 190 -13.55 24.21 -13.54
CA ARG A 190 -13.83 23.56 -12.29
C ARG A 190 -15.31 23.50 -11.99
N ARG A 191 -15.73 22.33 -11.52
CA ARG A 191 -16.98 22.20 -10.82
C ARG A 191 -17.08 23.02 -9.50
N THR A 192 -18.21 23.74 -9.37
CA THR A 192 -18.52 24.70 -8.29
C THR A 192 -19.52 24.21 -7.21
N GLY A 193 -20.31 23.13 -7.39
CA GLY A 193 -20.49 22.35 -8.60
C GLY A 193 -21.63 21.31 -8.57
N PRO A 194 -22.76 21.58 -7.82
CA PRO A 194 -23.86 20.56 -7.63
C PRO A 194 -24.22 19.56 -8.77
N ALA A 195 -24.57 19.99 -9.99
CA ALA A 195 -24.43 21.35 -10.49
C ALA A 195 -25.63 21.83 -11.32
N PRO A 196 -25.61 21.69 -12.69
CA PRO A 196 -24.48 21.52 -13.62
C PRO A 196 -24.33 22.57 -14.76
N HIS A 197 -24.35 23.90 -14.56
CA HIS A 197 -24.19 24.75 -13.34
C HIS A 197 -23.11 25.80 -13.67
N ASP A 198 -21.83 25.42 -13.57
CA ASP A 198 -21.35 24.10 -13.05
C ASP A 198 -20.19 24.32 -12.09
N ALA A 199 -19.06 24.98 -12.43
CA ALA A 199 -18.43 25.37 -13.73
C ALA A 199 -18.04 26.85 -13.85
N GLU A 200 -16.80 27.12 -13.50
CA GLU A 200 -16.13 28.35 -13.86
C GLU A 200 -14.96 27.87 -14.63
N ASP A 201 -14.55 28.60 -15.65
CA ASP A 201 -13.28 28.40 -16.30
C ASP A 201 -12.25 29.41 -15.77
N TYR A 202 -10.98 29.17 -16.02
CA TYR A 202 -9.88 30.00 -15.47
C TYR A 202 -8.65 29.50 -16.14
N TRP A 203 -7.76 30.41 -16.47
CA TRP A 203 -6.48 30.08 -17.06
C TRP A 203 -5.54 29.39 -16.04
N ALA A 204 -4.98 28.28 -16.46
CA ALA A 204 -4.11 27.50 -15.68
C ALA A 204 -2.73 27.58 -16.33
N GLU A 205 -1.72 27.81 -15.48
CA GLU A 205 -0.37 27.64 -15.91
C GLU A 205 0.03 26.20 -15.54
N ILE A 206 0.55 25.44 -16.49
CA ILE A 206 0.67 24.00 -16.32
C ILE A 206 2.09 23.61 -16.61
N SER A 207 2.72 22.82 -15.74
CA SER A 207 4.10 22.34 -16.01
C SER A 207 4.10 20.85 -15.94
N THR A 208 4.84 20.22 -16.82
CA THR A 208 5.06 18.81 -16.65
C THR A 208 6.57 18.56 -16.69
N THR A 209 7.03 17.61 -15.89
CA THR A 209 8.45 17.27 -15.96
C THR A 209 8.52 15.77 -15.97
N PRO A 210 9.20 15.19 -16.98
CA PRO A 210 9.22 13.73 -16.96
C PRO A 210 10.23 13.23 -15.92
N ILE A 211 9.88 12.07 -15.40
CA ILE A 211 10.59 11.27 -14.48
C ILE A 211 10.67 9.86 -15.06
N HIS A 212 11.88 9.50 -15.48
CA HIS A 212 12.20 8.12 -15.83
C HIS A 212 12.49 7.29 -14.59
N THR A 213 11.87 6.15 -14.56
CA THR A 213 12.05 5.22 -13.50
C THR A 213 12.85 4.02 -14.06
N ASP A 214 12.99 2.91 -13.33
CA ASP A 214 13.60 1.73 -13.97
C ASP A 214 12.58 0.92 -14.77
N GLY A 215 13.07 0.30 -15.83
CA GLY A 215 12.27 -0.66 -16.57
C GLY A 215 11.55 0.06 -17.68
N ASN A 216 12.24 1.04 -18.27
CA ASN A 216 11.67 1.76 -19.40
C ASN A 216 10.50 2.58 -18.84
N GLY A 217 10.43 2.67 -17.50
CA GLY A 217 9.27 3.26 -16.78
C GLY A 217 9.24 4.77 -16.89
N LEU A 218 8.04 5.34 -16.84
CA LEU A 218 7.86 6.81 -17.07
C LEU A 218 6.72 7.37 -16.25
N VAL A 219 6.97 8.51 -15.64
CA VAL A 219 5.89 9.22 -14.95
C VAL A 219 6.01 10.66 -15.32
N GLY A 220 4.88 11.30 -15.49
CA GLY A 220 4.85 12.74 -15.68
C GLY A 220 4.35 13.38 -14.43
N TYR A 221 5.14 14.29 -13.94
CA TYR A 221 4.84 15.03 -12.74
C TYR A 221 4.32 16.30 -13.21
N VAL A 222 3.08 16.62 -12.78
CA VAL A 222 2.33 17.76 -13.35
C VAL A 222 1.84 18.80 -12.35
N GLN A 223 2.20 20.07 -12.58
CA GLN A 223 1.82 21.17 -11.74
C GLN A 223 0.77 22.09 -12.39
N ILE A 224 -0.26 22.35 -11.62
CA ILE A 224 -1.25 23.23 -12.08
C ILE A 224 -1.34 24.46 -11.16
N GLN A 225 -0.94 25.62 -11.69
CA GLN A 225 -1.17 26.90 -10.98
C GLN A 225 -2.21 27.75 -11.66
N HIS A 226 -2.96 28.48 -10.85
CA HIS A 226 -3.85 29.49 -11.35
C HIS A 226 -2.98 30.65 -11.87
N ASP A 227 -3.07 30.93 -13.18
CA ASP A 227 -2.34 32.00 -13.85
C ASP A 227 -3.05 33.35 -13.69
PA FAD B . 2.31 -12.75 27.34
O1A FAD B . 3.29 -11.89 28.29
O2A FAD B . 1.37 -11.83 26.73
O5B FAD B . 1.13 -13.69 28.04
C5B FAD B . 0.23 -13.20 29.14
C4B FAD B . -1.37 -13.16 29.12
O4B FAD B . -2.23 -14.41 29.52
C3B FAD B . -1.66 -12.93 27.77
O3B FAD B . -0.66 -12.20 27.05
C2B FAD B . -2.12 -14.26 27.27
O2B FAD B . -1.00 -14.86 26.73
C1B FAD B . -2.42 -15.26 28.31
N9A FAD B . -2.41 -16.75 28.13
C8A FAD B . -3.35 -17.88 28.37
N7A FAD B . -2.74 -19.15 28.03
C5A FAD B . -1.42 -18.74 27.63
C6A FAD B . -0.25 -19.53 27.19
N6A FAD B . -0.39 -20.98 27.13
N1A FAD B . 0.87 -18.86 26.80
C2A FAD B . 1.07 -17.40 26.85
N3A FAD B . -0.11 -16.67 27.35
C4A FAD B . -1.24 -17.35 27.68
N1 FAD B . 3.87 -15.35 19.07
C2 FAD B . 4.48 -14.46 18.28
O2 FAD B . 4.85 -13.25 18.82
N3 FAD B . 4.75 -14.83 16.93
C4 FAD B . 4.35 -16.05 16.44
O4 FAD B . 4.56 -16.39 15.10
C4X FAD B . 3.74 -16.96 17.29
N5 FAD B . 3.33 -18.27 16.70
C5X FAD B . 2.69 -19.20 17.54
C6 FAD B . 2.38 -20.53 16.98
C7 FAD B . 1.72 -21.49 17.80
C7M FAD B . 1.35 -22.82 17.18
C8 FAD B . 1.43 -21.15 19.22
C8M FAD B . 0.77 -22.08 20.22
C9 FAD B . 1.81 -19.88 19.76
C9A FAD B . 2.45 -18.87 18.91
N10 FAD B . 2.86 -17.56 19.50
C10 FAD B . 3.51 -16.64 18.60
C1' FAD B . 2.57 -17.37 20.94
C2' FAD B . 3.40 -16.83 22.21
O2' FAD B . 3.00 -16.86 23.34
C3' FAD B . 4.63 -16.01 22.11
O3' FAD B . 5.13 -15.63 23.42
C4' FAD B . 4.09 -14.64 21.89
O4' FAD B . 5.12 -14.08 21.15
C5' FAD B . 3.81 -14.13 23.34
O5' FAD B . 4.26 -12.82 23.57
P FAD B . 3.99 -12.12 25.05
O1P FAD B . 5.53 -12.20 25.65
O2P FAD B . 3.58 -10.76 24.72
O3P FAD B . 3.03 -13.11 25.93
C1 GOL C . 6.97 5.49 -9.61
O1 GOL C . 6.26 4.27 -9.39
C2 GOL C . 6.87 6.35 -8.32
O2 GOL C . 7.24 7.76 -8.47
C3 GOL C . 7.40 5.48 -7.12
O3 GOL C . 8.69 4.94 -7.39
CL CL D . -2.99 38.14 -16.43
#